data_3T7J
#
_entry.id   3T7J
#
_cell.length_a   34.357
_cell.length_b   62.182
_cell.length_c   65.801
_cell.angle_alpha   86.64
_cell.angle_beta   75.38
_cell.angle_gamma   73.98
#
_symmetry.space_group_name_H-M   'P 1'
#
loop_
_entity.id
_entity.type
_entity.pdbx_description
1 polymer 'Regulator of Ty1 transposition protein 107'
2 water water
#
_entity_poly.entity_id   1
_entity_poly.type   'polypeptide(L)'
_entity_poly.pdbx_seq_one_letter_code
;GSPHMTKAEKILARFNELPNYDLKAVCTGCFHDGFNEVDIEILNQLGIKIFDNIKETDKLNCIFAPKILRTEKFLKSLSF
EPLKFALKPEFIIDLLKQIHSKKDKLSQININLFDYEINGINESIISKTKLPTKVFERANIRCINLVNDIPGGVDTIGSV
LKAHGIEKINVLRSKKCTFEDIIPNDVSKQENGGIFKYVLIVTKASQVKKFTKLINDRDKNETILIVEWNWCVESIFHLN
VDFTSKKNVLYQKKNN
;
_entity_poly.pdbx_strand_id   A,B
#
# COMPACT_ATOMS: atom_id res chain seq x y z
N THR A 6 -20.15 -31.54 2.91
CA THR A 6 -20.16 -32.99 2.72
C THR A 6 -19.10 -33.45 1.73
N LYS A 7 -18.86 -32.65 0.69
CA LYS A 7 -17.86 -33.01 -0.32
C LYS A 7 -16.43 -33.02 0.26
N ALA A 8 -16.15 -32.14 1.21
CA ALA A 8 -14.88 -32.16 1.91
C ALA A 8 -14.83 -33.35 2.86
N GLU A 9 -15.97 -33.65 3.49
CA GLU A 9 -16.07 -34.78 4.39
C GLU A 9 -15.75 -36.10 3.68
N LYS A 10 -16.29 -36.25 2.47
CA LYS A 10 -16.01 -37.43 1.64
C LYS A 10 -14.52 -37.54 1.30
N ILE A 11 -13.93 -36.43 0.88
CA ILE A 11 -12.49 -36.40 0.61
C ILE A 11 -11.67 -36.81 1.83
N LEU A 12 -12.05 -36.28 2.99
CA LEU A 12 -11.33 -36.58 4.23
C LEU A 12 -11.67 -37.94 4.82
N ALA A 13 -12.70 -38.59 4.29
CA ALA A 13 -13.09 -39.90 4.78
C ALA A 13 -11.99 -40.93 4.54
N ARG A 14 -11.17 -40.68 3.51
CA ARG A 14 -10.10 -41.61 3.16
C ARG A 14 -9.08 -41.77 4.29
N PHE A 15 -9.20 -40.92 5.31
CA PHE A 15 -8.21 -40.88 6.38
C PHE A 15 -8.70 -41.53 7.67
N ASN A 16 -7.79 -42.26 8.33
CA ASN A 16 -8.12 -42.98 9.55
C ASN A 16 -8.20 -42.05 10.77
N GLU A 17 -7.55 -40.90 10.65
CA GLU A 17 -7.50 -39.91 11.73
C GLU A 17 -6.99 -38.57 11.19
N LEU A 18 -7.67 -37.49 11.57
CA LEU A 18 -7.33 -36.18 11.08
C LEU A 18 -6.64 -35.36 12.14
N PRO A 19 -5.50 -34.77 11.79
CA PRO A 19 -4.86 -33.84 12.74
C PRO A 19 -5.76 -32.64 13.07
N ASN A 20 -5.59 -32.11 14.26
CA ASN A 20 -6.15 -30.83 14.63
C ASN A 20 -4.99 -29.83 14.78
N TYR A 21 -4.75 -29.02 13.75
CA TYR A 21 -3.63 -28.07 13.77
C TYR A 21 -3.88 -26.86 14.66
N ASP A 22 -5.15 -26.59 14.93
CA ASP A 22 -5.53 -25.54 15.88
C ASP A 22 -4.97 -24.20 15.43
N LEU A 23 -5.19 -23.84 14.18
CA LEU A 23 -4.71 -22.55 13.69
C LEU A 23 -5.88 -21.63 13.45
N LYS A 24 -5.70 -20.37 13.87
CA LYS A 24 -6.63 -19.30 13.59
C LYS A 24 -5.75 -18.23 12.92
N ALA A 25 -5.86 -18.08 11.59
CA ALA A 25 -4.87 -17.38 10.78
C ALA A 25 -5.43 -16.32 9.84
N VAL A 26 -4.60 -15.34 9.47
CA VAL A 26 -4.84 -14.54 8.28
C VAL A 26 -3.67 -14.76 7.35
N CYS A 27 -3.85 -14.41 6.08
CA CYS A 27 -2.83 -14.58 5.07
C CYS A 27 -2.44 -13.21 4.57
N THR A 28 -1.16 -13.01 4.29
CA THR A 28 -0.69 -11.75 3.74
C THR A 28 0.45 -12.04 2.79
N GLY A 29 0.43 -11.43 1.60
CA GLY A 29 1.47 -11.66 0.62
C GLY A 29 1.36 -13.03 -0.01
N CYS A 30 0.20 -13.66 0.17
CA CYS A 30 -0.07 -14.98 -0.40
C CYS A 30 -1.57 -15.24 -0.49
N PHE A 31 -1.94 -16.25 -1.26
CA PHE A 31 -3.34 -16.61 -1.45
C PHE A 31 -4.22 -15.41 -1.73
N HIS A 32 -3.78 -14.54 -2.64
CA HIS A 32 -4.47 -13.27 -2.83
C HIS A 32 -5.95 -13.44 -3.21
N ASP A 33 -6.26 -14.48 -3.99
CA ASP A 33 -7.64 -14.73 -4.41
C ASP A 33 -8.41 -15.68 -3.48
N GLY A 34 -7.81 -16.06 -2.36
CA GLY A 34 -8.50 -16.87 -1.37
C GLY A 34 -8.55 -18.36 -1.68
N PHE A 35 -9.49 -19.06 -1.03
CA PHE A 35 -9.64 -20.51 -1.21
C PHE A 35 -11.05 -20.84 -1.66
N ASN A 36 -11.19 -21.92 -2.42
CA ASN A 36 -12.51 -22.38 -2.84
C ASN A 36 -13.30 -22.98 -1.67
N GLU A 37 -14.62 -23.04 -1.82
CA GLU A 37 -15.52 -23.44 -0.73
C GLU A 37 -15.13 -24.74 -0.05
N VAL A 38 -14.61 -25.69 -0.82
CA VAL A 38 -14.33 -27.01 -0.28
C VAL A 38 -13.00 -27.03 0.47
N ASP A 39 -12.00 -26.33 -0.06
CA ASP A 39 -10.71 -26.25 0.63
C ASP A 39 -10.88 -25.60 1.98
N ILE A 40 -11.68 -24.54 2.04
CA ILE A 40 -12.01 -23.93 3.33
C ILE A 40 -12.63 -24.97 4.28
N GLU A 41 -13.53 -25.80 3.76
CA GLU A 41 -14.18 -26.84 4.56
C GLU A 41 -13.19 -27.89 5.06
N ILE A 42 -12.34 -28.36 4.16
CA ILE A 42 -11.27 -29.27 4.51
C ILE A 42 -10.38 -28.68 5.61
N LEU A 43 -9.90 -27.47 5.38
CA LEU A 43 -9.03 -26.81 6.35
C LEU A 43 -9.71 -26.70 7.70
N ASN A 44 -10.98 -26.31 7.69
CA ASN A 44 -11.76 -26.22 8.92
C ASN A 44 -11.82 -27.56 9.65
N GLN A 45 -12.00 -28.62 8.88
CA GLN A 45 -12.10 -29.94 9.48
C GLN A 45 -10.78 -30.39 10.10
N LEU A 46 -9.69 -29.75 9.68
CA LEU A 46 -8.38 -30.05 10.24
C LEU A 46 -7.96 -29.01 11.29
N GLY A 47 -8.93 -28.27 11.82
CA GLY A 47 -8.68 -27.28 12.85
C GLY A 47 -7.91 -26.05 12.39
N ILE A 48 -8.10 -25.67 11.13
CA ILE A 48 -7.46 -24.48 10.57
C ILE A 48 -8.53 -23.55 10.03
N LYS A 49 -8.66 -22.38 10.68
CA LYS A 49 -9.61 -21.35 10.26
C LYS A 49 -8.84 -20.19 9.67
N ILE A 50 -9.20 -19.82 8.44
CA ILE A 50 -8.63 -18.69 7.74
C ILE A 50 -9.62 -17.54 7.74
N PHE A 51 -9.22 -16.40 8.31
CA PHE A 51 -10.07 -15.22 8.38
C PHE A 51 -9.59 -14.21 7.33
N ASP A 52 -10.52 -13.39 6.84
CA ASP A 52 -10.19 -12.38 5.83
C ASP A 52 -9.56 -11.18 6.50
N ASN A 53 -10.12 -10.80 7.64
CA ASN A 53 -9.61 -9.65 8.37
C ASN A 53 -9.30 -9.99 9.81
N ILE A 54 -8.45 -9.17 10.42
CA ILE A 54 -8.10 -9.34 11.82
C ILE A 54 -9.09 -8.61 12.71
N LYS A 55 -9.77 -9.37 13.56
CA LYS A 55 -10.65 -8.82 14.56
C LYS A 55 -10.10 -9.35 15.87
N GLU A 56 -9.90 -8.46 16.84
CA GLU A 56 -9.25 -8.85 18.09
C GLU A 56 -10.06 -9.95 18.76
N THR A 57 -11.31 -10.05 18.32
CA THR A 57 -12.30 -11.01 18.83
C THR A 57 -11.90 -12.46 18.59
N ASP A 58 -11.39 -12.70 17.40
CA ASP A 58 -11.13 -14.03 16.87
C ASP A 58 -9.90 -14.71 17.46
N LYS A 59 -9.21 -14.02 18.35
CA LYS A 59 -8.01 -14.54 18.98
C LYS A 59 -7.11 -15.27 17.99
N LEU A 60 -6.79 -14.62 16.87
CA LEU A 60 -5.88 -15.19 15.90
C LEU A 60 -4.56 -15.65 16.56
N ASN A 61 -3.99 -16.75 16.07
CA ASN A 61 -2.71 -17.25 16.60
C ASN A 61 -1.69 -17.54 15.51
N CYS A 62 -2.01 -17.19 14.26
CA CYS A 62 -1.18 -17.65 13.16
C CYS A 62 -1.19 -16.67 11.98
N ILE A 63 -0.05 -16.54 11.32
CA ILE A 63 0.01 -15.72 10.12
C ILE A 63 0.70 -16.52 9.04
N PHE A 64 0.09 -16.56 7.86
CA PHE A 64 0.72 -17.17 6.70
C PHE A 64 1.32 -16.06 5.84
N ALA A 65 2.60 -16.18 5.52
CA ALA A 65 3.24 -15.19 4.66
C ALA A 65 4.56 -15.75 4.10
N PRO A 66 4.92 -15.33 2.87
CA PRO A 66 6.18 -15.84 2.28
C PRO A 66 7.42 -15.34 3.02
N LYS A 67 7.32 -14.20 3.69
CA LYS A 67 8.45 -13.68 4.43
C LYS A 67 7.96 -12.56 5.33
N ILE A 68 8.89 -11.99 6.10
CA ILE A 68 8.54 -10.81 6.89
C ILE A 68 8.07 -9.72 5.95
N LEU A 69 6.91 -9.15 6.22
CA LEU A 69 6.35 -8.14 5.34
C LEU A 69 5.95 -6.92 6.15
N ARG A 70 5.76 -5.80 5.48
CA ARG A 70 5.41 -4.55 6.15
C ARG A 70 3.92 -4.27 6.09
N THR A 71 3.15 -5.23 5.57
CA THR A 71 1.70 -5.07 5.45
C THR A 71 1.04 -4.84 6.81
N GLU A 72 -0.17 -4.31 6.79
CA GLU A 72 -0.95 -4.10 8.01
C GLU A 72 -1.15 -5.42 8.74
N LYS A 73 -1.43 -6.47 7.97
CA LYS A 73 -1.66 -7.79 8.52
C LYS A 73 -0.43 -8.39 9.16
N PHE A 74 0.71 -8.32 8.48
CA PHE A 74 1.91 -8.91 9.05
C PHE A 74 2.31 -8.18 10.34
N LEU A 75 2.25 -6.85 10.31
CA LEU A 75 2.65 -6.08 11.49
C LEU A 75 1.69 -6.35 12.65
N LYS A 76 0.40 -6.45 12.33
CA LYS A 76 -0.62 -6.71 13.34
C LYS A 76 -0.53 -8.11 13.95
N SER A 77 -0.03 -9.07 13.20
CA SER A 77 0.12 -10.44 13.72
C SER A 77 1.15 -10.47 14.84
N LEU A 78 2.06 -9.50 14.85
CA LEU A 78 3.00 -9.40 15.98
C LEU A 78 2.37 -8.81 17.25
N SER A 79 1.06 -8.58 17.21
CA SER A 79 0.30 -8.19 18.39
C SER A 79 -0.74 -9.25 18.75
N PHE A 80 -0.73 -10.38 18.05
CA PHE A 80 -1.62 -11.47 18.42
C PHE A 80 -1.31 -11.85 19.86
N GLU A 81 -2.29 -12.47 20.50
CA GLU A 81 -2.25 -12.67 21.94
C GLU A 81 -2.46 -14.13 22.39
N PRO A 82 -1.48 -15.00 22.13
CA PRO A 82 -0.22 -14.66 21.47
C PRO A 82 -0.18 -15.13 20.04
N LEU A 83 0.86 -14.75 19.33
CA LEU A 83 1.16 -15.36 18.04
C LEU A 83 1.81 -16.69 18.36
N LYS A 84 1.38 -17.74 17.69
CA LYS A 84 1.94 -19.05 17.98
C LYS A 84 2.70 -19.60 16.80
N PHE A 85 2.27 -19.26 15.60
CA PHE A 85 2.87 -19.79 14.39
C PHE A 85 2.99 -18.66 13.35
N ALA A 86 4.15 -18.54 12.73
CA ALA A 86 4.35 -17.68 11.58
C ALA A 86 4.80 -18.61 10.46
N LEU A 87 3.91 -18.91 9.53
CA LEU A 87 4.15 -20.01 8.62
C LEU A 87 4.12 -19.54 7.17
N LYS A 88 4.96 -20.16 6.34
CA LYS A 88 4.97 -19.93 4.92
C LYS A 88 3.74 -20.59 4.31
N PRO A 89 3.24 -20.04 3.20
CA PRO A 89 2.07 -20.56 2.49
C PRO A 89 2.27 -22.02 2.11
N GLU A 90 3.52 -22.44 1.92
CA GLU A 90 3.81 -23.84 1.55
C GLU A 90 3.20 -24.84 2.53
N PHE A 91 2.94 -24.40 3.75
CA PHE A 91 2.32 -25.29 4.72
C PHE A 91 0.90 -25.68 4.27
N ILE A 92 0.13 -24.70 3.84
CA ILE A 92 -1.22 -24.94 3.36
C ILE A 92 -1.18 -25.66 2.02
N ILE A 93 -0.26 -25.23 1.16
CA ILE A 93 -0.10 -25.85 -0.15
C ILE A 93 0.20 -27.35 -0.04
N ASP A 94 1.23 -27.70 0.72
CA ASP A 94 1.59 -29.11 0.93
C ASP A 94 0.44 -29.90 1.57
N LEU A 95 -0.28 -29.24 2.47
CA LEU A 95 -1.35 -29.91 3.19
C LEU A 95 -2.52 -30.20 2.26
N LEU A 96 -2.90 -29.22 1.46
CA LEU A 96 -3.99 -29.42 0.51
C LEU A 96 -3.59 -30.41 -0.57
N LYS A 97 -2.34 -30.39 -0.98
CA LYS A 97 -1.83 -31.33 -1.97
C LYS A 97 -1.96 -32.76 -1.47
N GLN A 98 -1.47 -33.00 -0.26
CA GLN A 98 -1.48 -34.35 0.32
C GLN A 98 -2.94 -34.82 0.43
N ILE A 99 -3.82 -33.93 0.86
CA ILE A 99 -5.23 -34.23 1.03
C ILE A 99 -5.97 -34.54 -0.28
N HIS A 100 -5.66 -33.79 -1.34
CA HIS A 100 -6.33 -34.00 -2.62
C HIS A 100 -5.79 -35.20 -3.39
N SER A 101 -5.00 -36.03 -2.70
CA SER A 101 -4.53 -37.30 -3.21
C SER A 101 -3.10 -37.23 -3.72
N GLN A 108 -1.57 -41.12 4.46
CA GLN A 108 -1.99 -40.39 5.65
C GLN A 108 -1.40 -38.98 5.72
N ILE A 109 -1.94 -38.17 6.64
CA ILE A 109 -1.55 -36.77 6.75
C ILE A 109 -0.41 -36.54 7.73
N ASN A 110 0.73 -36.07 7.22
CA ASN A 110 1.90 -35.86 8.06
C ASN A 110 2.60 -34.49 7.92
N ILE A 111 1.98 -33.55 7.22
CA ILE A 111 2.53 -32.20 7.14
C ILE A 111 2.68 -31.62 8.53
N ASN A 112 3.87 -31.17 8.89
CA ASN A 112 4.09 -30.67 10.23
C ASN A 112 4.18 -29.15 10.31
N LEU A 113 4.06 -28.63 11.53
CA LEU A 113 4.09 -27.19 11.79
C LEU A 113 5.50 -26.65 12.00
N PHE A 114 6.52 -27.45 11.77
CA PHE A 114 7.87 -26.99 12.11
C PHE A 114 8.73 -26.69 10.90
N ASP A 115 8.37 -27.23 9.74
CA ASP A 115 9.22 -27.13 8.57
C ASP A 115 8.90 -25.96 7.64
N TYR A 116 8.13 -24.99 8.13
CA TYR A 116 7.69 -23.87 7.29
C TYR A 116 7.77 -22.53 7.96
N GLU A 117 8.74 -22.37 8.85
CA GLU A 117 8.86 -21.11 9.54
C GLU A 117 9.37 -19.99 8.64
N ILE A 118 8.85 -18.79 8.90
CA ILE A 118 9.24 -17.61 8.15
C ILE A 118 10.57 -17.10 8.70
N ASN A 119 11.58 -17.01 7.84
CA ASN A 119 12.88 -16.48 8.24
C ASN A 119 12.77 -15.12 8.91
N GLY A 120 13.40 -14.98 10.08
CA GLY A 120 13.35 -13.74 10.84
C GLY A 120 12.39 -13.76 12.04
N ILE A 121 11.35 -14.58 11.95
CA ILE A 121 10.39 -14.66 13.03
C ILE A 121 10.63 -15.94 13.82
N ASN A 122 11.33 -15.81 14.95
CA ASN A 122 11.80 -16.97 15.68
C ASN A 122 11.22 -17.05 17.07
N GLU A 123 11.65 -18.06 17.83
CA GLU A 123 11.16 -18.27 19.17
C GLU A 123 11.11 -16.96 19.95
N SER A 124 12.25 -16.29 20.07
CA SER A 124 12.39 -15.13 20.94
C SER A 124 11.40 -13.99 20.63
N ILE A 125 11.23 -13.69 19.36
CA ILE A 125 10.29 -12.65 18.97
C ILE A 125 8.86 -13.09 19.20
N ILE A 126 8.57 -14.32 18.81
CA ILE A 126 7.22 -14.87 18.92
C ILE A 126 6.75 -14.94 20.37
N SER A 127 7.65 -15.33 21.26
CA SER A 127 7.29 -15.47 22.66
C SER A 127 7.01 -14.13 23.33
N LYS A 128 7.58 -13.06 22.77
CA LYS A 128 7.31 -11.72 23.28
C LYS A 128 5.85 -11.32 23.11
N THR A 129 5.15 -12.00 22.20
CA THR A 129 3.74 -11.71 22.03
C THR A 129 2.97 -12.21 23.23
N LYS A 130 3.63 -12.95 24.13
CA LYS A 130 2.95 -13.41 25.34
C LYS A 130 3.04 -12.40 26.48
N LEU A 131 3.88 -11.39 26.32
CA LEU A 131 4.07 -10.40 27.37
C LEU A 131 2.76 -9.73 27.69
N PRO A 132 2.58 -9.29 28.94
CA PRO A 132 1.29 -8.70 29.35
C PRO A 132 1.16 -7.27 28.87
N THR A 133 2.14 -6.82 28.07
CA THR A 133 2.11 -5.47 27.51
C THR A 133 2.37 -5.51 26.01
N LYS A 134 2.05 -4.40 25.33
CA LYS A 134 2.40 -4.20 23.93
C LYS A 134 3.70 -3.41 23.83
N VAL A 135 4.33 -3.50 22.67
CA VAL A 135 5.64 -2.87 22.45
C VAL A 135 5.69 -1.37 22.77
N PHE A 136 4.78 -0.57 22.24
CA PHE A 136 4.76 0.88 22.52
C PHE A 136 4.28 1.17 23.92
N GLU A 137 3.48 0.27 24.45
CA GLU A 137 3.05 0.40 25.83
C GLU A 137 4.22 0.32 26.81
N ARG A 138 5.09 -0.66 26.66
CA ARG A 138 6.23 -0.72 27.57
C ARG A 138 7.32 0.29 27.20
N ALA A 139 7.21 0.89 26.02
CA ALA A 139 8.15 1.96 25.66
C ALA A 139 7.65 3.32 26.16
N ASN A 140 6.51 3.34 26.84
CA ASN A 140 5.88 4.57 27.27
C ASN A 140 5.62 5.57 26.15
N ILE A 141 5.25 5.05 24.99
CA ILE A 141 4.77 5.88 23.89
C ILE A 141 3.28 5.63 23.84
N ARG A 142 2.51 6.51 24.46
CA ARG A 142 1.06 6.35 24.56
C ARG A 142 0.28 7.22 23.59
N CYS A 143 0.70 8.47 23.42
CA CYS A 143 -0.06 9.39 22.58
C CYS A 143 0.86 10.06 21.58
N ILE A 144 0.61 9.85 20.30
CA ILE A 144 1.52 10.32 19.26
C ILE A 144 0.84 11.19 18.23
N ASN A 145 1.65 11.95 17.49
CA ASN A 145 1.16 12.77 16.40
C ASN A 145 1.65 12.21 15.08
N LEU A 146 0.73 12.13 14.12
CA LEU A 146 0.99 11.54 12.83
C LEU A 146 0.65 12.53 11.72
N VAL A 147 1.60 12.80 10.83
CA VAL A 147 1.35 13.72 9.71
C VAL A 147 0.47 13.05 8.63
N ASN A 148 -0.60 13.73 8.25
CA ASN A 148 -1.60 13.19 7.32
C ASN A 148 -1.06 12.72 5.98
N ASP A 149 0.20 13.03 5.66
CA ASP A 149 0.78 12.55 4.41
C ASP A 149 1.59 11.28 4.60
N ILE A 150 1.26 10.52 5.64
CA ILE A 150 1.88 9.22 5.85
C ILE A 150 1.43 8.27 4.74
N PRO A 151 2.41 7.68 4.02
CA PRO A 151 2.14 6.71 2.95
C PRO A 151 1.36 5.51 3.48
N GLY A 152 0.17 5.29 2.93
CA GLY A 152 -0.69 4.23 3.41
C GLY A 152 -1.94 4.80 4.05
N GLY A 153 -1.96 6.12 4.20
CA GLY A 153 -3.09 6.78 4.82
C GLY A 153 -3.04 6.60 6.32
N VAL A 154 -3.80 7.42 7.03
CA VAL A 154 -3.68 7.50 8.48
C VAL A 154 -4.48 6.45 9.22
N ASP A 155 -5.50 5.87 8.59
CA ASP A 155 -6.34 4.89 9.26
C ASP A 155 -5.62 3.55 9.42
N THR A 156 -4.87 3.16 8.40
CA THR A 156 -4.15 1.90 8.43
C THR A 156 -2.99 1.98 9.39
N ILE A 157 -2.19 3.04 9.27
CA ILE A 157 -1.08 3.27 10.19
C ILE A 157 -1.58 3.39 11.62
N GLY A 158 -2.63 4.17 11.80
CA GLY A 158 -3.24 4.32 13.11
C GLY A 158 -3.65 2.98 13.70
N SER A 159 -4.24 2.13 12.88
CA SER A 159 -4.78 0.88 13.40
C SER A 159 -3.66 -0.10 13.77
N VAL A 160 -2.58 -0.12 12.98
CA VAL A 160 -1.38 -0.86 13.33
C VAL A 160 -0.80 -0.39 14.68
N LEU A 161 -0.66 0.91 14.85
CA LEU A 161 -0.12 1.46 16.09
C LEU A 161 -0.99 1.23 17.30
N LYS A 162 -2.30 1.31 17.13
CA LYS A 162 -3.20 1.04 18.24
C LYS A 162 -3.11 -0.43 18.65
N ALA A 163 -3.05 -1.32 17.65
CA ALA A 163 -2.81 -2.75 17.92
C ALA A 163 -1.58 -2.97 18.81
N HIS A 164 -0.57 -2.11 18.66
CA HIS A 164 0.69 -2.27 19.39
C HIS A 164 0.82 -1.38 20.61
N GLY A 165 -0.33 -0.91 21.11
CA GLY A 165 -0.39 -0.25 22.40
C GLY A 165 -0.46 1.27 22.40
N ILE A 166 -0.45 1.91 21.26
CA ILE A 166 -0.62 3.35 21.29
C ILE A 166 -2.09 3.71 21.58
N GLU A 167 -2.32 4.49 22.64
CA GLU A 167 -3.68 4.83 23.07
C GLU A 167 -4.36 5.89 22.21
N LYS A 168 -3.60 6.89 21.75
CA LYS A 168 -4.17 8.02 21.03
C LYS A 168 -3.34 8.38 19.81
N ILE A 169 -3.99 8.43 18.66
CA ILE A 169 -3.32 8.79 17.43
C ILE A 169 -3.88 10.12 16.98
N ASN A 170 -3.06 11.15 17.06
CA ASN A 170 -3.50 12.48 16.70
C ASN A 170 -2.97 12.85 15.34
N VAL A 171 -3.87 12.99 14.38
CA VAL A 171 -3.47 13.30 13.02
C VAL A 171 -3.28 14.81 12.86
N LEU A 172 -2.11 15.20 12.39
CA LEU A 172 -1.82 16.58 12.11
C LEU A 172 -1.79 16.75 10.61
N ARG A 173 -2.41 17.79 10.09
CA ARG A 173 -2.25 18.09 8.68
C ARG A 173 -1.12 19.08 8.48
N SER A 174 -0.09 18.65 7.76
CA SER A 174 0.83 19.59 7.17
C SER A 174 0.13 20.15 5.95
N LYS A 175 0.01 21.47 5.88
CA LYS A 175 0.72 22.34 6.81
C LYS A 175 -0.21 23.39 7.44
N LYS A 176 -1.38 22.94 7.88
CA LYS A 176 -2.34 23.81 8.52
C LYS A 176 -2.22 23.79 10.05
N CYS A 177 -1.53 22.77 10.58
CA CYS A 177 -1.55 22.52 12.02
C CYS A 177 -0.73 23.50 12.85
N THR A 178 -1.27 23.87 14.01
CA THR A 178 -0.61 24.80 14.90
C THR A 178 -0.05 24.03 16.10
N PHE A 179 0.69 24.72 16.94
CA PHE A 179 1.18 24.11 18.16
C PHE A 179 0.02 23.49 18.92
N GLU A 180 -1.10 24.20 18.99
CA GLU A 180 -2.24 23.74 19.78
C GLU A 180 -2.88 22.41 19.31
N ASP A 181 -2.60 21.99 18.07
CA ASP A 181 -3.11 20.71 17.57
C ASP A 181 -2.23 19.55 18.03
N ILE A 182 -1.02 19.86 18.46
CA ILE A 182 -0.09 18.81 18.88
C ILE A 182 -0.54 18.34 20.25
N ILE A 183 -0.65 17.03 20.42
CA ILE A 183 -1.01 16.50 21.72
C ILE A 183 0.21 15.96 22.43
N PRO A 184 0.25 16.07 23.76
CA PRO A 184 1.40 15.52 24.47
C PRO A 184 1.25 14.02 24.73
N ASN A 185 2.38 13.41 25.06
CA ASN A 185 2.44 12.00 25.38
C ASN A 185 2.24 11.77 26.87
N ASP A 186 1.00 11.86 27.34
CA ASP A 186 0.70 11.61 28.76
C ASP A 186 0.58 10.12 29.01
N VAL A 187 1.48 9.56 29.82
CA VAL A 187 1.47 8.12 30.06
C VAL A 187 0.85 7.74 31.42
N ILE A 195 11.66 10.22 29.35
CA ILE A 195 10.36 10.16 28.68
C ILE A 195 10.11 11.41 27.82
N PHE A 196 9.37 11.24 26.73
CA PHE A 196 9.16 12.31 25.76
C PHE A 196 7.77 12.88 25.86
N LYS A 197 7.69 14.20 26.02
CA LYS A 197 6.42 14.87 26.13
C LYS A 197 5.73 14.89 24.77
N TYR A 198 6.50 15.06 23.71
CA TYR A 198 5.92 15.14 22.39
C TYR A 198 6.52 14.07 21.50
N VAL A 199 5.67 13.26 20.90
CA VAL A 199 6.16 12.29 19.94
C VAL A 199 5.48 12.49 18.61
N LEU A 200 6.28 12.64 17.56
CA LEU A 200 5.69 12.83 16.26
C LEU A 200 6.23 11.83 15.25
N ILE A 201 5.36 11.40 14.34
CA ILE A 201 5.76 10.56 13.22
C ILE A 201 5.61 11.41 11.97
N VAL A 202 6.71 11.64 11.27
CA VAL A 202 6.68 12.53 10.11
C VAL A 202 7.29 11.87 8.89
N THR A 203 6.98 12.39 7.71
CA THR A 203 7.44 11.79 6.46
C THR A 203 8.50 12.64 5.76
N LYS A 204 8.27 13.95 5.69
CA LYS A 204 9.23 14.83 5.02
C LYS A 204 10.14 15.55 6.01
N ALA A 205 11.44 15.45 5.76
CA ALA A 205 12.44 15.99 6.68
C ALA A 205 12.37 17.52 6.86
N SER A 206 11.35 18.15 6.30
CA SER A 206 11.13 19.58 6.47
C SER A 206 9.93 19.82 7.38
N GLN A 207 9.19 18.76 7.65
CA GLN A 207 8.15 18.81 8.67
C GLN A 207 8.83 18.84 10.04
N VAL A 208 10.09 18.41 10.09
CA VAL A 208 10.84 18.40 11.33
C VAL A 208 11.08 19.82 11.77
N LYS A 209 11.62 20.63 10.85
CA LYS A 209 11.97 22.02 11.12
C LYS A 209 10.77 22.78 11.66
N LYS A 210 9.65 22.67 10.97
CA LYS A 210 8.42 23.33 11.38
C LYS A 210 7.92 22.89 12.76
N PHE A 211 7.99 21.59 13.03
CA PHE A 211 7.54 21.11 14.32
C PHE A 211 8.48 21.47 15.45
N THR A 212 9.78 21.40 15.21
CA THR A 212 10.71 21.70 16.28
C THR A 212 10.66 23.20 16.61
N LYS A 213 10.40 24.03 15.61
CA LYS A 213 10.26 25.47 15.87
C LYS A 213 9.02 25.80 16.67
N LEU A 214 7.89 25.18 16.32
CA LEU A 214 6.64 25.41 17.01
C LEU A 214 6.76 24.98 18.47
N ILE A 215 7.28 23.77 18.69
CA ILE A 215 7.41 23.28 20.05
C ILE A 215 8.46 24.09 20.84
N ASN A 216 9.62 24.33 20.24
CA ASN A 216 10.65 25.10 20.92
C ASN A 216 10.17 26.49 21.33
N ASP A 217 9.32 27.10 20.51
CA ASP A 217 8.80 28.44 20.80
C ASP A 217 7.81 28.45 21.96
N ARG A 218 6.99 27.39 22.06
CA ARG A 218 5.86 27.35 22.99
C ARG A 218 6.12 26.53 24.25
N ASP A 219 7.08 25.61 24.17
CA ASP A 219 7.37 24.71 25.28
C ASP A 219 8.85 24.36 25.32
N LYS A 220 9.65 25.42 25.39
CA LYS A 220 11.10 25.38 25.23
C LYS A 220 11.85 24.27 25.99
N ASN A 221 11.45 24.01 27.22
CA ASN A 221 12.23 23.10 28.05
C ASN A 221 11.75 21.67 28.00
N GLU A 222 10.72 21.39 27.22
CA GLU A 222 10.18 20.03 27.14
C GLU A 222 10.84 19.13 26.09
N THR A 223 10.61 17.82 26.21
CA THR A 223 11.32 16.84 25.42
C THR A 223 10.50 16.46 24.20
N ILE A 224 11.19 16.04 23.15
CA ILE A 224 10.59 15.80 21.85
C ILE A 224 11.24 14.61 21.15
N LEU A 225 10.41 13.79 20.53
CA LEU A 225 10.92 12.69 19.71
C LEU A 225 10.23 12.70 18.38
N ILE A 226 11.01 12.80 17.31
CA ILE A 226 10.44 12.82 15.98
C ILE A 226 11.07 11.68 15.17
N VAL A 227 10.23 10.84 14.58
CA VAL A 227 10.70 9.63 13.92
C VAL A 227 9.98 9.36 12.60
N GLU A 228 10.59 8.48 11.81
CA GLU A 228 10.00 8.02 10.56
C GLU A 228 9.19 6.76 10.86
N TRP A 229 8.26 6.46 9.98
CA TRP A 229 7.42 5.30 10.13
C TRP A 229 8.25 4.02 10.30
N ASN A 230 9.41 3.96 9.67
CA ASN A 230 10.27 2.77 9.77
C ASN A 230 10.85 2.51 11.17
N TRP A 231 10.86 3.55 11.99
CA TRP A 231 11.22 3.41 13.40
C TRP A 231 10.15 2.57 14.10
N CYS A 232 8.89 2.86 13.77
CA CYS A 232 7.79 2.08 14.32
C CYS A 232 7.86 0.65 13.80
N VAL A 233 8.14 0.53 12.49
CA VAL A 233 8.17 -0.78 11.84
C VAL A 233 9.22 -1.70 12.43
N GLU A 234 10.44 -1.21 12.54
CA GLU A 234 11.52 -1.98 13.13
C GLU A 234 11.22 -2.32 14.59
N SER A 235 10.64 -1.37 15.33
CA SER A 235 10.27 -1.62 16.72
C SER A 235 9.28 -2.79 16.84
N ILE A 236 8.30 -2.83 15.94
CA ILE A 236 7.33 -3.91 15.91
C ILE A 236 8.00 -5.25 15.56
N PHE A 237 8.77 -5.25 14.48
CA PHE A 237 9.56 -6.41 14.05
C PHE A 237 10.41 -7.00 15.18
N HIS A 238 10.93 -6.14 16.05
CA HIS A 238 11.72 -6.65 17.17
C HIS A 238 10.90 -6.79 18.45
N LEU A 239 9.63 -6.39 18.38
CA LEU A 239 8.83 -6.18 19.58
C LEU A 239 9.63 -5.48 20.70
N ASN A 240 10.40 -4.47 20.31
CA ASN A 240 11.13 -3.68 21.30
C ASN A 240 11.49 -2.31 20.76
N VAL A 241 11.19 -1.27 21.53
CA VAL A 241 11.66 0.05 21.14
C VAL A 241 13.04 0.23 21.73
N ASP A 242 14.02 0.41 20.86
CA ASP A 242 15.37 0.60 21.34
C ASP A 242 15.61 2.11 21.30
N PHE A 243 15.56 2.75 22.46
CA PHE A 243 15.70 4.22 22.52
C PHE A 243 17.17 4.61 22.34
N THR A 244 18.01 3.60 22.30
CA THR A 244 19.45 3.72 22.15
C THR A 244 19.80 3.95 20.68
N SER A 245 18.94 3.48 19.79
CA SER A 245 19.15 3.59 18.36
C SER A 245 18.92 5.01 17.78
N LYS A 246 19.73 5.40 16.81
CA LYS A 246 19.55 6.69 16.15
C LYS A 246 18.91 6.46 14.79
N LYS A 247 18.81 5.19 14.39
CA LYS A 247 18.22 4.85 13.11
C LYS A 247 16.73 5.17 13.04
N ASN A 248 16.32 5.82 11.95
CA ASN A 248 14.97 6.35 11.75
C ASN A 248 14.49 7.42 12.74
N VAL A 249 15.42 7.99 13.49
CA VAL A 249 15.11 9.10 14.37
C VAL A 249 15.53 10.39 13.66
N LEU A 250 14.58 11.30 13.50
CA LEU A 250 14.84 12.52 12.76
C LEU A 250 15.27 13.64 13.67
N TYR A 251 14.85 13.58 14.93
CA TYR A 251 15.17 14.62 15.90
C TYR A 251 14.76 14.09 17.26
N GLN A 252 15.60 14.30 18.26
CA GLN A 252 15.19 14.07 19.63
C GLN A 252 15.81 15.07 20.58
N LYS A 253 14.99 15.57 21.49
CA LYS A 253 15.42 16.50 22.53
C LYS A 253 15.06 15.86 23.85
N LYS A 254 16.05 15.57 24.66
CA LYS A 254 15.84 14.99 25.98
C LYS A 254 16.61 15.79 27.02
N ASN A 255 16.34 15.52 28.30
CA ASN A 255 16.97 16.24 29.41
C ASN A 255 18.49 16.22 29.36
N THR B 6 20.66 34.03 -3.00
CA THR B 6 20.42 32.79 -2.26
C THR B 6 21.57 31.81 -2.44
N LYS B 7 21.65 30.84 -1.54
CA LYS B 7 22.70 29.82 -1.59
C LYS B 7 22.68 29.05 -2.91
N ALA B 8 21.48 28.69 -3.37
CA ALA B 8 21.34 27.98 -4.65
C ALA B 8 21.90 28.82 -5.80
N GLU B 9 21.58 30.11 -5.81
CA GLU B 9 22.02 30.99 -6.88
C GLU B 9 23.54 31.10 -6.94
N LYS B 10 24.17 31.22 -5.77
CA LYS B 10 25.64 31.31 -5.71
C LYS B 10 26.28 30.05 -6.28
N ILE B 11 25.73 28.90 -5.91
CA ILE B 11 26.21 27.63 -6.42
C ILE B 11 26.07 27.57 -7.94
N LEU B 12 24.93 28.04 -8.43
CA LEU B 12 24.65 27.98 -9.86
C LEU B 12 25.34 29.11 -10.63
N ALA B 13 25.90 30.08 -9.93
CA ALA B 13 26.56 31.21 -10.60
C ALA B 13 27.81 30.73 -11.33
N ARG B 14 28.37 29.62 -10.86
CA ARG B 14 29.59 29.06 -11.42
C ARG B 14 29.39 28.61 -12.87
N PHE B 15 28.13 28.54 -13.29
CA PHE B 15 27.84 28.07 -14.64
C PHE B 15 27.46 29.25 -15.51
N ASN B 16 27.98 29.26 -16.74
CA ASN B 16 27.80 30.38 -17.65
C ASN B 16 26.48 30.29 -18.41
N GLU B 17 25.76 29.17 -18.20
CA GLU B 17 24.45 28.96 -18.83
C GLU B 17 23.73 27.77 -18.18
N LEU B 18 22.46 27.95 -17.87
CA LEU B 18 21.72 26.88 -17.19
C LEU B 18 20.65 26.28 -18.10
N PRO B 19 20.59 24.96 -18.16
CA PRO B 19 19.50 24.33 -18.92
C PRO B 19 18.16 24.58 -18.26
N ASN B 20 17.11 24.63 -19.06
CA ASN B 20 15.75 24.57 -18.56
C ASN B 20 15.19 23.21 -18.96
N TYR B 21 15.18 22.25 -18.04
CA TYR B 21 14.71 20.90 -18.35
C TYR B 21 13.20 20.84 -18.50
N ASP B 22 12.53 21.83 -17.93
CA ASP B 22 11.09 21.98 -18.09
C ASP B 22 10.36 20.72 -17.64
N LEU B 23 10.72 20.22 -16.45
CA LEU B 23 10.02 19.07 -15.88
C LEU B 23 9.10 19.51 -14.78
N LYS B 24 7.90 18.91 -14.74
CA LYS B 24 6.95 19.10 -13.64
C LYS B 24 6.63 17.66 -13.22
N ALA B 25 7.17 17.23 -12.08
CA ALA B 25 7.24 15.80 -11.78
C ALA B 25 6.82 15.42 -10.36
N VAL B 26 6.47 14.14 -10.20
CA VAL B 26 6.42 13.51 -8.88
C VAL B 26 7.41 12.35 -8.87
N CYS B 27 7.71 11.84 -7.69
CA CYS B 27 8.63 10.73 -7.52
C CYS B 27 7.87 9.59 -6.89
N THR B 28 8.22 8.35 -7.21
CA THR B 28 7.60 7.19 -6.60
C THR B 28 8.64 6.08 -6.53
N GLY B 29 8.74 5.42 -5.38
CA GLY B 29 9.74 4.39 -5.18
C GLY B 29 11.15 4.95 -5.08
N CYS B 30 11.23 6.25 -4.83
CA CYS B 30 12.53 6.93 -4.71
C CYS B 30 12.37 8.27 -3.98
N PHE B 31 13.49 8.82 -3.52
CA PHE B 31 13.52 10.06 -2.76
C PHE B 31 12.43 10.12 -1.69
N HIS B 32 12.34 9.08 -0.87
CA HIS B 32 11.21 8.97 0.07
C HIS B 32 11.17 10.07 1.12
N ASP B 33 12.35 10.51 1.57
CA ASP B 33 12.46 11.62 2.51
C ASP B 33 12.48 13.00 1.83
N GLY B 34 12.78 13.02 0.54
CA GLY B 34 12.73 14.26 -0.22
C GLY B 34 14.06 14.97 -0.42
N PHE B 35 13.98 16.28 -0.66
CA PHE B 35 15.15 17.10 -0.95
C PHE B 35 15.27 18.27 0.02
N ASN B 36 16.51 18.66 0.33
CA ASN B 36 16.75 19.83 1.17
C ASN B 36 16.36 21.13 0.46
N GLU B 37 16.34 22.23 1.21
CA GLU B 37 15.75 23.49 0.69
C GLU B 37 16.57 24.06 -0.46
N VAL B 38 17.87 23.78 -0.46
CA VAL B 38 18.74 24.31 -1.48
C VAL B 38 18.62 23.52 -2.77
N ASP B 39 18.60 22.20 -2.68
CA ASP B 39 18.37 21.37 -3.85
C ASP B 39 17.05 21.70 -4.54
N ILE B 40 16.00 21.91 -3.76
CA ILE B 40 14.71 22.23 -4.36
C ILE B 40 14.80 23.50 -5.20
N GLU B 41 15.55 24.47 -4.69
CA GLU B 41 15.73 25.76 -5.34
C GLU B 41 16.67 25.63 -6.54
N ILE B 42 17.68 24.78 -6.39
CA ILE B 42 18.56 24.42 -7.50
C ILE B 42 17.76 23.83 -8.67
N LEU B 43 17.06 22.73 -8.42
CA LEU B 43 16.25 22.10 -9.45
C LEU B 43 15.26 23.09 -10.06
N ASN B 44 14.71 23.94 -9.21
CA ASN B 44 13.75 24.94 -9.66
C ASN B 44 14.38 25.90 -10.66
N GLN B 45 15.61 26.31 -10.39
CA GLN B 45 16.29 27.25 -11.26
C GLN B 45 16.58 26.59 -12.58
N LEU B 46 16.64 25.26 -12.56
CA LEU B 46 16.91 24.48 -13.77
C LEU B 46 15.61 24.04 -14.47
N GLY B 47 14.48 24.60 -14.06
CA GLY B 47 13.21 24.26 -14.67
C GLY B 47 12.71 22.88 -14.30
N ILE B 48 13.08 22.42 -13.12
CA ILE B 48 12.56 21.15 -12.61
C ILE B 48 11.84 21.38 -11.31
N LYS B 49 10.52 21.19 -11.34
CA LYS B 49 9.67 21.33 -10.17
C LYS B 49 9.24 19.94 -9.70
N ILE B 50 9.48 19.65 -8.42
CA ILE B 50 9.07 18.38 -7.83
C ILE B 50 7.89 18.61 -6.88
N PHE B 51 6.79 17.91 -7.13
CA PHE B 51 5.61 18.06 -6.30
C PHE B 51 5.46 16.83 -5.41
N ASP B 52 4.75 16.98 -4.29
CA ASP B 52 4.53 15.88 -3.33
C ASP B 52 3.43 14.97 -3.83
N ASN B 53 2.33 15.56 -4.25
CA ASN B 53 1.19 14.81 -4.73
C ASN B 53 0.80 15.30 -6.11
N ILE B 54 -0.08 14.54 -6.76
CA ILE B 54 -0.52 14.88 -8.11
C ILE B 54 -1.79 15.71 -8.07
N LYS B 55 -1.73 16.91 -8.64
CA LYS B 55 -2.89 17.78 -8.76
C LYS B 55 -3.08 18.04 -10.24
N GLU B 56 -4.29 17.88 -10.75
CA GLU B 56 -4.49 17.96 -12.18
C GLU B 56 -4.11 19.33 -12.71
N THR B 57 -4.17 20.34 -11.84
CA THR B 57 -3.91 21.73 -12.26
C THR B 57 -2.42 22.02 -12.46
N ASP B 58 -1.57 21.24 -11.80
CA ASP B 58 -0.13 21.40 -11.92
C ASP B 58 0.44 20.94 -13.26
N LYS B 59 -0.39 20.26 -14.05
CA LYS B 59 0.01 19.81 -15.38
C LYS B 59 1.33 19.06 -15.40
N LEU B 60 1.49 18.12 -14.48
CA LEU B 60 2.74 17.34 -14.44
C LEU B 60 3.03 16.69 -15.79
N ASN B 61 4.31 16.57 -16.13
CA ASN B 61 4.71 15.91 -17.38
C ASN B 61 5.78 14.85 -17.19
N CYS B 62 6.05 14.49 -15.94
CA CYS B 62 7.22 13.67 -15.65
C CYS B 62 7.04 12.80 -14.42
N ILE B 63 7.59 11.60 -14.46
CA ILE B 63 7.61 10.74 -13.29
C ILE B 63 9.03 10.27 -13.07
N PHE B 64 9.52 10.40 -11.84
CA PHE B 64 10.76 9.76 -11.46
C PHE B 64 10.47 8.44 -10.74
N ALA B 65 11.03 7.36 -11.26
CA ALA B 65 10.87 6.07 -10.61
C ALA B 65 11.98 5.09 -11.04
N PRO B 66 12.40 4.21 -10.12
CA PRO B 66 13.50 3.29 -10.44
C PRO B 66 13.11 2.29 -11.52
N LYS B 67 11.83 1.94 -11.59
CA LYS B 67 11.33 1.01 -12.60
C LYS B 67 9.82 1.18 -12.72
N ILE B 68 9.19 0.37 -13.56
CA ILE B 68 7.73 0.38 -13.66
C ILE B 68 7.11 -0.14 -12.37
N LEU B 69 6.25 0.67 -11.76
CA LEU B 69 5.69 0.35 -10.45
C LEU B 69 4.18 0.41 -10.50
N ARG B 70 3.57 -0.19 -9.48
CA ARG B 70 2.12 -0.26 -9.38
C ARG B 70 1.58 0.71 -8.36
N THR B 71 2.44 1.62 -7.90
CA THR B 71 2.01 2.65 -6.95
C THR B 71 0.92 3.51 -7.58
N GLU B 72 0.19 4.22 -6.73
CA GLU B 72 -0.82 5.15 -7.19
C GLU B 72 -0.21 6.21 -8.10
N LYS B 73 0.97 6.69 -7.73
CA LYS B 73 1.61 7.76 -8.50
C LYS B 73 2.10 7.27 -9.85
N PHE B 74 2.69 6.08 -9.89
CA PHE B 74 3.18 5.60 -11.17
C PHE B 74 2.02 5.41 -12.14
N LEU B 75 0.95 4.80 -11.67
CA LEU B 75 -0.17 4.48 -12.56
C LEU B 75 -0.81 5.76 -13.06
N LYS B 76 -0.90 6.75 -12.18
CA LYS B 76 -1.51 8.03 -12.51
C LYS B 76 -0.65 8.84 -13.45
N SER B 77 0.65 8.59 -13.44
CA SER B 77 1.51 9.36 -14.34
C SER B 77 1.16 8.97 -15.76
N LEU B 78 0.54 7.80 -15.92
CA LEU B 78 0.16 7.36 -17.26
C LEU B 78 -1.11 8.05 -17.75
N SER B 79 -1.68 8.93 -16.92
CA SER B 79 -2.75 9.80 -17.38
C SER B 79 -2.34 11.27 -17.42
N PHE B 80 -1.05 11.57 -17.26
CA PHE B 80 -0.62 12.97 -17.42
C PHE B 80 -0.98 13.42 -18.82
N GLU B 81 -0.98 14.72 -19.03
CA GLU B 81 -1.58 15.29 -20.22
C GLU B 81 -0.67 16.31 -20.91
N PRO B 82 0.41 15.84 -21.53
CA PRO B 82 0.74 14.41 -21.61
C PRO B 82 1.89 14.07 -20.69
N LEU B 83 2.21 12.79 -20.57
CA LEU B 83 3.45 12.36 -19.94
C LEU B 83 4.54 12.60 -20.96
N LYS B 84 5.62 13.24 -20.54
CA LYS B 84 6.71 13.51 -21.48
C LYS B 84 7.96 12.71 -21.15
N PHE B 85 8.20 12.45 -19.88
CA PHE B 85 9.42 11.77 -19.46
C PHE B 85 9.11 10.85 -18.29
N ALA B 86 9.58 9.61 -18.38
CA ALA B 86 9.52 8.69 -17.26
C ALA B 86 10.98 8.38 -16.99
N LEU B 87 11.51 8.90 -15.89
CA LEU B 87 12.96 8.93 -15.70
C LEU B 87 13.39 8.21 -14.41
N LYS B 88 14.54 7.56 -14.46
CA LYS B 88 15.14 6.99 -13.26
C LYS B 88 15.65 8.10 -12.35
N PRO B 89 15.58 7.88 -11.04
CA PRO B 89 16.02 8.89 -10.06
C PRO B 89 17.48 9.28 -10.24
N GLU B 90 18.25 8.44 -10.93
CA GLU B 90 19.67 8.76 -11.16
C GLU B 90 19.83 10.05 -11.98
N PHE B 91 18.80 10.41 -12.74
CA PHE B 91 18.87 11.66 -13.47
C PHE B 91 19.02 12.82 -12.48
N ILE B 92 18.22 12.82 -11.42
CA ILE B 92 18.30 13.88 -10.42
C ILE B 92 19.60 13.76 -9.63
N ILE B 93 19.97 12.52 -9.28
CA ILE B 93 21.22 12.29 -8.57
C ILE B 93 22.45 12.80 -9.32
N ASP B 94 22.60 12.42 -10.59
CA ASP B 94 23.74 12.84 -11.41
C ASP B 94 23.73 14.35 -11.61
N LEU B 95 22.54 14.92 -11.79
CA LEU B 95 22.40 16.34 -11.98
C LEU B 95 22.90 17.08 -10.75
N LEU B 96 22.36 16.73 -9.59
CA LEU B 96 22.75 17.38 -8.34
C LEU B 96 24.24 17.20 -8.05
N LYS B 97 24.77 16.01 -8.30
CA LYS B 97 26.20 15.75 -8.11
C LYS B 97 27.06 16.65 -9.00
N GLN B 98 26.68 16.77 -10.27
CA GLN B 98 27.44 17.61 -11.19
C GLN B 98 27.44 19.05 -10.69
N ILE B 99 26.27 19.49 -10.22
CA ILE B 99 26.09 20.85 -9.72
C ILE B 99 26.90 21.14 -8.45
N HIS B 100 26.79 20.28 -7.45
CA HIS B 100 27.55 20.44 -6.22
C HIS B 100 29.05 20.13 -6.40
N SER B 101 29.51 20.15 -7.65
CA SER B 101 30.92 19.95 -7.98
C SER B 101 31.28 18.50 -8.18
N GLN B 108 30.76 22.30 -16.89
CA GLN B 108 29.42 22.78 -17.23
C GLN B 108 28.36 21.68 -17.12
N ILE B 109 27.09 22.06 -17.22
CA ILE B 109 26.00 21.10 -17.01
C ILE B 109 25.56 20.40 -18.29
N ASN B 110 25.76 19.08 -18.32
CA ASN B 110 25.43 18.31 -19.52
C ASN B 110 24.63 17.02 -19.31
N ILE B 111 24.06 16.82 -18.12
CA ILE B 111 23.21 15.64 -17.88
C ILE B 111 21.97 15.68 -18.77
N ASN B 112 21.75 14.63 -19.56
CA ASN B 112 20.67 14.65 -20.54
C ASN B 112 19.42 13.87 -20.10
N LEU B 113 18.30 14.10 -20.78
CA LEU B 113 17.04 13.42 -20.47
C LEU B 113 16.85 12.11 -21.19
N PHE B 114 17.86 11.63 -21.90
CA PHE B 114 17.65 10.44 -22.71
C PHE B 114 18.28 9.19 -22.12
N ASP B 115 19.28 9.36 -21.28
CA ASP B 115 20.05 8.20 -20.80
C ASP B 115 19.47 7.57 -19.53
N TYR B 116 18.30 8.03 -19.12
CA TYR B 116 17.74 7.64 -17.84
C TYR B 116 16.31 7.13 -17.94
N GLU B 117 15.89 6.69 -19.11
CA GLU B 117 14.52 6.19 -19.26
C GLU B 117 14.26 4.90 -18.47
N ILE B 118 13.01 4.74 -18.06
CA ILE B 118 12.59 3.55 -17.34
C ILE B 118 12.17 2.46 -18.31
N ASN B 119 12.60 1.23 -18.03
CA ASN B 119 12.31 0.08 -18.88
C ASN B 119 10.82 -0.28 -18.98
N GLY B 120 10.38 -0.68 -20.16
CA GLY B 120 9.00 -1.05 -20.39
C GLY B 120 8.14 0.16 -20.72
N ILE B 121 8.47 1.29 -20.10
CA ILE B 121 7.85 2.51 -20.54
C ILE B 121 8.40 2.69 -21.94
N ASN B 122 7.74 3.50 -22.76
CA ASN B 122 7.99 3.43 -24.18
C ASN B 122 7.47 4.64 -24.92
N GLU B 123 8.11 4.98 -26.04
CA GLU B 123 7.68 6.16 -26.79
C GLU B 123 6.26 5.95 -27.28
N SER B 124 5.90 4.70 -27.54
CA SER B 124 4.57 4.39 -28.05
C SER B 124 3.50 4.54 -26.96
N ILE B 125 3.77 3.95 -25.80
CA ILE B 125 2.95 4.14 -24.61
C ILE B 125 2.89 5.62 -24.19
N ILE B 126 4.05 6.25 -24.07
CA ILE B 126 4.14 7.66 -23.67
C ILE B 126 3.32 8.57 -24.56
N SER B 127 3.40 8.36 -25.86
CA SER B 127 2.66 9.17 -26.81
C SER B 127 1.15 8.94 -26.73
N LYS B 128 0.73 7.75 -26.26
CA LYS B 128 -0.71 7.49 -26.05
C LYS B 128 -1.30 8.44 -25.02
N THR B 129 -0.47 9.03 -24.18
CA THR B 129 -0.98 9.98 -23.19
C THR B 129 -1.36 11.31 -23.83
N LYS B 130 -1.06 11.46 -25.12
CA LYS B 130 -1.48 12.69 -25.83
C LYS B 130 -2.89 12.56 -26.41
N LEU B 131 -3.39 11.33 -26.48
CA LEU B 131 -4.71 11.06 -27.06
C LEU B 131 -5.77 11.91 -26.37
N PRO B 132 -6.84 12.24 -27.09
CA PRO B 132 -7.85 13.12 -26.49
C PRO B 132 -8.82 12.31 -25.61
N THR B 133 -8.47 11.06 -25.33
CA THR B 133 -9.29 10.22 -24.46
C THR B 133 -8.42 9.52 -23.43
N LYS B 134 -9.05 9.04 -22.36
CA LYS B 134 -8.39 8.19 -21.38
C LYS B 134 -8.65 6.71 -21.73
N VAL B 135 -7.79 5.84 -21.23
CA VAL B 135 -7.84 4.41 -21.58
C VAL B 135 -9.21 3.75 -21.34
N PHE B 136 -9.83 3.99 -20.19
CA PHE B 136 -11.12 3.33 -19.92
C PHE B 136 -12.27 4.03 -20.66
N GLU B 137 -12.04 5.29 -20.97
CA GLU B 137 -12.99 6.05 -21.76
C GLU B 137 -13.11 5.46 -23.18
N ARG B 138 -12.00 5.17 -23.84
CA ARG B 138 -12.12 4.58 -25.17
C ARG B 138 -12.47 3.09 -25.11
N ALA B 139 -12.35 2.50 -23.92
CA ALA B 139 -12.81 1.12 -23.77
C ALA B 139 -14.29 1.05 -23.40
N ASN B 140 -14.93 2.20 -23.28
CA ASN B 140 -16.34 2.28 -22.92
C ASN B 140 -16.66 1.65 -21.57
N ILE B 141 -15.73 1.80 -20.63
CA ILE B 141 -15.97 1.44 -19.25
C ILE B 141 -16.15 2.74 -18.49
N ARG B 142 -17.40 3.14 -18.29
CA ARG B 142 -17.72 4.41 -17.63
C ARG B 142 -18.09 4.27 -16.16
N CYS B 143 -18.89 3.26 -15.84
CA CYS B 143 -19.33 3.04 -14.46
C CYS B 143 -19.01 1.63 -14.01
N ILE B 144 -18.27 1.51 -12.93
CA ILE B 144 -17.75 0.22 -12.49
C ILE B 144 -18.07 0.02 -11.02
N ASN B 145 -18.13 -1.25 -10.62
CA ASN B 145 -18.37 -1.59 -9.23
C ASN B 145 -17.12 -2.18 -8.61
N LEU B 146 -16.76 -1.69 -7.43
CA LEU B 146 -15.54 -2.12 -6.78
C LEU B 146 -15.85 -2.76 -5.41
N VAL B 147 -15.41 -3.99 -5.19
CA VAL B 147 -15.63 -4.64 -3.89
C VAL B 147 -14.64 -4.09 -2.87
N ASN B 148 -15.17 -3.66 -1.71
CA ASN B 148 -14.38 -2.90 -0.75
C ASN B 148 -13.23 -3.64 -0.08
N ASP B 149 -13.10 -4.92 -0.36
CA ASP B 149 -12.03 -5.71 0.26
C ASP B 149 -10.79 -5.73 -0.62
N ILE B 150 -10.75 -4.82 -1.60
CA ILE B 150 -9.58 -4.67 -2.46
C ILE B 150 -8.40 -4.17 -1.63
N PRO B 151 -7.24 -4.85 -1.75
CA PRO B 151 -6.02 -4.49 -1.02
C PRO B 151 -5.48 -3.13 -1.46
N GLY B 152 -5.58 -2.13 -0.60
CA GLY B 152 -5.14 -0.78 -0.92
C GLY B 152 -6.19 0.24 -0.55
N GLY B 153 -7.39 -0.25 -0.22
CA GLY B 153 -8.51 0.63 0.04
C GLY B 153 -9.12 1.10 -1.28
N VAL B 154 -10.41 1.43 -1.24
CA VAL B 154 -11.13 1.79 -2.44
C VAL B 154 -10.85 3.20 -2.92
N ASP B 155 -10.53 4.12 -2.01
CA ASP B 155 -10.40 5.50 -2.45
C ASP B 155 -9.12 5.73 -3.26
N THR B 156 -8.09 4.93 -3.00
CA THR B 156 -6.86 5.01 -3.80
C THR B 156 -7.03 4.27 -5.11
N ILE B 157 -7.77 3.16 -5.08
CA ILE B 157 -8.08 2.45 -6.31
C ILE B 157 -8.99 3.34 -7.17
N GLY B 158 -9.97 3.94 -6.51
CA GLY B 158 -10.93 4.79 -7.18
C GLY B 158 -10.26 5.98 -7.85
N SER B 159 -9.21 6.51 -7.21
CA SER B 159 -8.55 7.71 -7.69
C SER B 159 -7.75 7.40 -8.94
N VAL B 160 -7.07 6.24 -8.94
CA VAL B 160 -6.39 5.77 -10.14
C VAL B 160 -7.39 5.64 -11.30
N LEU B 161 -8.50 4.96 -11.05
CA LEU B 161 -9.47 4.70 -12.10
C LEU B 161 -10.13 5.96 -12.63
N LYS B 162 -10.45 6.91 -11.75
CA LYS B 162 -11.02 8.16 -12.23
C LYS B 162 -10.02 8.91 -13.12
N ALA B 163 -8.76 8.93 -12.70
CA ALA B 163 -7.72 9.57 -13.50
C ALA B 163 -7.70 8.98 -14.90
N HIS B 164 -8.05 7.70 -15.01
CA HIS B 164 -7.99 6.99 -16.28
C HIS B 164 -9.32 6.90 -17.01
N GLY B 165 -10.26 7.78 -16.67
CA GLY B 165 -11.46 7.97 -17.45
C GLY B 165 -12.70 7.27 -16.92
N ILE B 166 -12.58 6.55 -15.81
CA ILE B 166 -13.79 6.01 -15.23
C ILE B 166 -14.57 7.11 -14.49
N GLU B 167 -15.81 7.34 -14.92
CA GLU B 167 -16.64 8.44 -14.39
C GLU B 167 -17.19 8.17 -12.99
N LYS B 168 -17.53 6.92 -12.71
CA LYS B 168 -18.22 6.58 -11.47
C LYS B 168 -17.67 5.29 -10.90
N ILE B 169 -17.19 5.36 -9.67
CA ILE B 169 -16.67 4.21 -8.96
C ILE B 169 -17.66 3.89 -7.84
N ASN B 170 -18.37 2.77 -7.98
CA ASN B 170 -19.38 2.39 -7.01
C ASN B 170 -18.83 1.28 -6.11
N VAL B 171 -18.81 1.54 -4.81
CA VAL B 171 -18.19 0.60 -3.90
C VAL B 171 -19.23 -0.38 -3.37
N LEU B 172 -18.93 -1.67 -3.50
CA LEU B 172 -19.81 -2.73 -3.07
C LEU B 172 -19.25 -3.38 -1.82
N ARG B 173 -20.11 -3.61 -0.85
CA ARG B 173 -19.72 -4.28 0.37
C ARG B 173 -20.08 -5.76 0.31
N SER B 174 -19.09 -6.60 0.10
CA SER B 174 -19.30 -8.03 0.34
C SER B 174 -19.21 -8.25 1.85
N LYS B 175 -20.27 -8.77 2.45
CA LYS B 175 -21.45 -9.20 1.71
C LYS B 175 -22.72 -8.49 2.20
N LYS B 176 -22.67 -7.18 2.34
CA LYS B 176 -23.86 -6.44 2.68
C LYS B 176 -24.61 -6.01 1.43
N CYS B 177 -23.96 -6.12 0.27
CA CYS B 177 -24.51 -5.58 -0.98
C CYS B 177 -25.55 -6.50 -1.63
N THR B 178 -26.44 -5.86 -2.40
CA THR B 178 -27.52 -6.56 -3.06
C THR B 178 -27.55 -6.13 -4.51
N PHE B 179 -28.45 -6.73 -5.29
CA PHE B 179 -28.51 -6.38 -6.68
C PHE B 179 -28.68 -4.88 -6.86
N GLU B 180 -29.55 -4.29 -6.04
CA GLU B 180 -29.84 -2.87 -6.17
C GLU B 180 -28.63 -1.93 -5.92
N ASP B 181 -27.60 -2.41 -5.23
CA ASP B 181 -26.39 -1.61 -5.00
C ASP B 181 -25.53 -1.58 -6.24
N ILE B 182 -25.72 -2.54 -7.14
CA ILE B 182 -24.92 -2.61 -8.35
C ILE B 182 -25.36 -1.54 -9.34
N ILE B 183 -24.41 -0.79 -9.88
CA ILE B 183 -24.74 0.21 -10.89
C ILE B 183 -24.31 -0.25 -12.29
N PRO B 184 -25.09 0.11 -13.29
CA PRO B 184 -24.85 -0.34 -14.65
C PRO B 184 -23.79 0.55 -15.27
N ASN B 185 -23.17 0.06 -16.34
CA ASN B 185 -22.16 0.81 -17.09
C ASN B 185 -22.84 1.62 -18.20
N ASP B 186 -23.49 2.73 -17.86
CA ASP B 186 -24.15 3.53 -18.88
C ASP B 186 -23.19 4.55 -19.47
N VAL B 187 -22.90 4.37 -20.76
CA VAL B 187 -21.89 5.20 -21.44
C VAL B 187 -22.53 6.22 -22.38
N ILE B 195 -20.86 -4.19 -25.78
CA ILE B 195 -20.47 -3.55 -24.53
C ILE B 195 -21.09 -4.26 -23.32
N PHE B 196 -20.60 -3.93 -22.13
CA PHE B 196 -21.00 -4.59 -20.91
C PHE B 196 -21.89 -3.72 -20.03
N LYS B 197 -23.09 -4.21 -19.70
CA LYS B 197 -23.97 -3.43 -18.86
C LYS B 197 -23.45 -3.39 -17.45
N TYR B 198 -22.79 -4.47 -17.00
CA TYR B 198 -22.27 -4.50 -15.64
C TYR B 198 -20.78 -4.77 -15.58
N VAL B 199 -20.05 -3.90 -14.91
CA VAL B 199 -18.63 -4.13 -14.75
C VAL B 199 -18.24 -4.17 -13.29
N LEU B 200 -17.64 -5.28 -12.87
CA LEU B 200 -17.22 -5.41 -11.49
C LEU B 200 -15.74 -5.78 -11.36
N ILE B 201 -15.08 -5.14 -10.40
CA ILE B 201 -13.72 -5.47 -9.99
C ILE B 201 -13.82 -6.26 -8.67
N VAL B 202 -13.39 -7.51 -8.67
CA VAL B 202 -13.49 -8.30 -7.45
C VAL B 202 -12.18 -8.98 -7.07
N THR B 203 -11.97 -9.13 -5.78
CA THR B 203 -10.73 -9.70 -5.25
C THR B 203 -10.85 -11.20 -5.00
N LYS B 204 -11.92 -11.61 -4.32
CA LYS B 204 -12.07 -13.00 -3.90
C LYS B 204 -12.80 -13.84 -4.94
N ALA B 205 -12.12 -14.85 -5.47
CA ALA B 205 -12.68 -15.71 -6.51
C ALA B 205 -14.07 -16.24 -6.16
N SER B 206 -14.34 -16.43 -4.87
CA SER B 206 -15.62 -16.95 -4.41
C SER B 206 -16.72 -15.89 -4.41
N GLN B 207 -16.34 -14.64 -4.71
CA GLN B 207 -17.28 -13.53 -4.79
C GLN B 207 -17.99 -13.52 -6.15
N VAL B 208 -17.30 -14.04 -7.17
CA VAL B 208 -17.82 -14.07 -8.54
C VAL B 208 -19.19 -14.76 -8.58
N LYS B 209 -19.26 -15.92 -7.93
CA LYS B 209 -20.47 -16.72 -7.86
C LYS B 209 -21.66 -15.89 -7.39
N LYS B 210 -21.44 -15.17 -6.29
CA LYS B 210 -22.46 -14.34 -5.67
C LYS B 210 -22.96 -13.22 -6.57
N PHE B 211 -22.04 -12.51 -7.22
CA PHE B 211 -22.48 -11.44 -8.09
C PHE B 211 -23.19 -11.97 -9.33
N THR B 212 -22.65 -13.03 -9.92
CA THR B 212 -23.25 -13.53 -11.16
C THR B 212 -24.63 -14.10 -10.86
N LYS B 213 -24.81 -14.70 -9.69
CA LYS B 213 -26.14 -15.17 -9.30
C LYS B 213 -27.13 -14.00 -9.16
N LEU B 214 -26.73 -12.97 -8.42
CA LEU B 214 -27.61 -11.83 -8.24
C LEU B 214 -28.03 -11.27 -9.60
N ILE B 215 -27.04 -10.95 -10.44
CA ILE B 215 -27.32 -10.33 -11.72
C ILE B 215 -28.12 -11.25 -12.64
N ASN B 216 -27.72 -12.52 -12.72
CA ASN B 216 -28.43 -13.46 -13.57
C ASN B 216 -29.91 -13.61 -13.16
N ASP B 217 -30.18 -13.56 -11.86
CA ASP B 217 -31.55 -13.67 -11.36
C ASP B 217 -32.40 -12.45 -11.78
N ARG B 218 -31.80 -11.27 -11.74
CA ARG B 218 -32.51 -9.98 -11.91
C ARG B 218 -32.46 -9.35 -13.30
N ASP B 219 -31.49 -9.76 -14.11
CA ASP B 219 -31.25 -9.16 -15.41
C ASP B 219 -30.59 -10.20 -16.29
N LYS B 220 -31.30 -11.32 -16.45
CA LYS B 220 -30.80 -12.55 -17.04
C LYS B 220 -30.17 -12.40 -18.42
N ASN B 221 -30.70 -11.49 -19.23
CA ASN B 221 -30.24 -11.35 -20.60
C ASN B 221 -29.11 -10.34 -20.79
N GLU B 222 -28.71 -9.65 -19.71
CA GLU B 222 -27.68 -8.61 -19.85
C GLU B 222 -26.23 -9.08 -19.71
N THR B 223 -25.31 -8.21 -20.13
CA THR B 223 -23.91 -8.58 -20.24
C THR B 223 -23.16 -8.17 -18.98
N ILE B 224 -22.09 -8.90 -18.69
CA ILE B 224 -21.37 -8.78 -17.43
C ILE B 224 -19.89 -9.01 -17.64
N LEU B 225 -19.07 -8.17 -17.02
CA LEU B 225 -17.63 -8.34 -17.05
C LEU B 225 -17.12 -8.26 -15.63
N ILE B 226 -16.37 -9.26 -15.21
CA ILE B 226 -15.85 -9.27 -13.83
C ILE B 226 -14.37 -9.52 -13.89
N VAL B 227 -13.60 -8.64 -13.26
CA VAL B 227 -12.17 -8.68 -13.44
C VAL B 227 -11.46 -8.51 -12.13
N GLU B 228 -10.20 -8.92 -12.10
CA GLU B 228 -9.31 -8.62 -11.00
C GLU B 228 -8.67 -7.26 -11.21
N TRP B 229 -8.16 -6.68 -10.14
CA TRP B 229 -7.53 -5.39 -10.19
C TRP B 229 -6.38 -5.39 -11.20
N ASN B 230 -5.69 -6.51 -11.35
CA ASN B 230 -4.56 -6.60 -12.29
C ASN B 230 -4.97 -6.42 -13.76
N TRP B 231 -6.25 -6.61 -14.04
CA TRP B 231 -6.77 -6.36 -15.37
C TRP B 231 -6.74 -4.87 -15.68
N CYS B 232 -7.09 -4.08 -14.67
CA CYS B 232 -7.00 -2.62 -14.79
C CYS B 232 -5.56 -2.15 -14.87
N VAL B 233 -4.72 -2.73 -14.02
CA VAL B 233 -3.33 -2.32 -13.96
C VAL B 233 -2.62 -2.51 -15.32
N GLU B 234 -2.77 -3.69 -15.89
CA GLU B 234 -2.17 -4.00 -17.18
C GLU B 234 -2.74 -3.14 -18.31
N SER B 235 -4.05 -2.89 -18.29
CA SER B 235 -4.66 -1.99 -19.28
C SER B 235 -4.03 -0.60 -19.15
N ILE B 236 -3.72 -0.18 -17.93
CA ILE B 236 -3.12 1.14 -17.74
C ILE B 236 -1.68 1.16 -18.27
N PHE B 237 -0.90 0.18 -17.84
CA PHE B 237 0.45 -0.05 -18.34
C PHE B 237 0.52 -0.04 -19.87
N HIS B 238 -0.50 -0.56 -20.53
CA HIS B 238 -0.49 -0.56 -21.99
C HIS B 238 -1.29 0.59 -22.58
N LEU B 239 -1.93 1.38 -21.73
CA LEU B 239 -2.90 2.37 -22.17
C LEU B 239 -3.85 1.82 -23.23
N ASN B 240 -4.24 0.56 -23.04
CA ASN B 240 -5.22 -0.08 -23.90
C ASN B 240 -5.95 -1.16 -23.15
N VAL B 241 -7.26 -1.24 -23.33
CA VAL B 241 -8.02 -2.37 -22.83
C VAL B 241 -8.10 -3.36 -23.96
N ASP B 242 -7.52 -4.52 -23.74
CA ASP B 242 -7.61 -5.56 -24.75
C ASP B 242 -8.73 -6.46 -24.29
N PHE B 243 -9.89 -6.34 -24.93
CA PHE B 243 -11.05 -7.17 -24.61
C PHE B 243 -10.90 -8.59 -25.14
N THR B 244 -9.86 -8.81 -25.93
CA THR B 244 -9.52 -10.14 -26.46
C THR B 244 -8.85 -11.02 -25.39
N SER B 245 -8.23 -10.39 -24.42
CA SER B 245 -7.49 -11.11 -23.37
C SER B 245 -8.39 -11.75 -22.30
N LYS B 246 -8.07 -12.98 -21.90
CA LYS B 246 -8.75 -13.65 -20.80
C LYS B 246 -7.93 -13.48 -19.53
N LYS B 247 -6.76 -12.87 -19.66
CA LYS B 247 -5.91 -12.64 -18.50
C LYS B 247 -6.57 -11.71 -17.47
N ASN B 248 -6.65 -12.18 -16.22
CA ASN B 248 -7.30 -11.46 -15.12
C ASN B 248 -8.80 -11.19 -15.31
N VAL B 249 -9.42 -11.94 -16.21
CA VAL B 249 -10.86 -11.89 -16.36
C VAL B 249 -11.45 -13.07 -15.59
N LEU B 250 -12.34 -12.79 -14.65
CA LEU B 250 -12.87 -13.83 -13.79
C LEU B 250 -14.15 -14.42 -14.34
N TYR B 251 -14.90 -13.60 -15.09
CA TYR B 251 -16.16 -14.03 -15.67
C TYR B 251 -16.55 -13.00 -16.69
N GLN B 252 -17.02 -13.45 -17.85
CA GLN B 252 -17.66 -12.55 -18.78
C GLN B 252 -18.83 -13.19 -19.51
N LYS B 253 -19.91 -12.42 -19.61
CA LYS B 253 -21.12 -12.84 -20.30
C LYS B 253 -21.35 -11.80 -21.36
N LYS B 254 -21.29 -12.21 -22.62
CA LYS B 254 -21.58 -11.31 -23.74
C LYS B 254 -22.73 -11.92 -24.54
N ASN B 255 -23.38 -11.12 -25.38
CA ASN B 255 -24.51 -11.62 -26.16
C ASN B 255 -24.07 -12.14 -27.53
#